data_3H2A
#
_entry.id   3H2A
#
_cell.length_a   97.513
_cell.length_b   97.513
_cell.length_c   261.643
_cell.angle_alpha   90.00
_cell.angle_beta   90.00
_cell.angle_gamma   120.00
#
_symmetry.space_group_name_H-M   'P 62 2 2'
#
loop_
_entity.id
_entity.type
_entity.pdbx_description
1 polymer 'Dihydropteroate synthase'
2 non-polymer 2,6-diamino-5-nitropyrimidin-4(3H)-one
3 non-polymer 'SULFATE ION'
4 water water
#
_entity_poly.entity_id   1
_entity_poly.type   'polypeptide(L)'
_entity_poly.pdbx_seq_one_letter_code
;MGSSHHHHHHSSGLVPRGSHMKWDYDLRCGEYTLNLNEKTLIMGILNVTPDSFSDGGSYNEVDAAVRHAKEMRDEGAHII
DIGGESTRPGFAKVSVEEEIKRVVPMIQAVSKEVKLPISIDTYKAEVAKQAIEAGAHIINDIWGAKAEPKIAEVAAHYDV
PIILMHNRDNMNYRNLMADMIADLYDSIKIAKDAGVRDENIILDPGIGFAKTPEQNLEAMRNLEQLNVLGYPVLLGTSRK
SFIGHVLDLPVEERLEGTGATVCLGIEKGCEFVRVHDVKEMSRMAKMMDAMIGKGVK
;
_entity_poly.pdbx_strand_id   A,B
#
# COMPACT_ATOMS: atom_id res chain seq x y z
N LYS A 22 -14.42 -31.14 26.52
CA LYS A 22 -15.23 -29.96 26.97
C LYS A 22 -16.10 -29.28 25.87
N TRP A 23 -15.50 -28.89 24.74
CA TRP A 23 -16.30 -28.56 23.55
C TRP A 23 -16.23 -29.74 22.61
N ASP A 24 -17.39 -30.20 22.13
CA ASP A 24 -17.41 -31.44 21.36
C ASP A 24 -17.33 -31.18 19.86
N TYR A 25 -17.14 -29.90 19.53
CA TYR A 25 -17.05 -29.42 18.15
C TYR A 25 -16.01 -28.29 18.04
N ASP A 26 -15.60 -28.03 16.80
CA ASP A 26 -14.70 -26.95 16.44
C ASP A 26 -15.48 -25.76 15.87
N LEU A 27 -14.99 -24.55 16.10
CA LEU A 27 -15.58 -23.38 15.45
C LEU A 27 -15.12 -23.35 14.00
N ARG A 28 -16.08 -23.57 13.11
CA ARG A 28 -15.81 -23.67 11.69
C ARG A 28 -15.96 -22.31 11.01
N CYS A 29 -14.92 -21.92 10.28
CA CYS A 29 -14.83 -20.59 9.66
C CYS A 29 -14.33 -20.67 8.21
N GLY A 30 -15.03 -21.46 7.41
CA GLY A 30 -14.66 -21.70 6.03
C GLY A 30 -13.30 -22.35 5.95
N GLU A 31 -12.32 -21.57 5.54
CA GLU A 31 -10.96 -22.08 5.34
C GLU A 31 -10.22 -22.32 6.67
N TYR A 32 -10.60 -21.58 7.70
CA TYR A 32 -9.98 -21.74 9.01
C TYR A 32 -10.92 -22.47 9.97
N THR A 33 -10.33 -23.10 10.98
CA THR A 33 -11.06 -23.82 12.00
C THR A 33 -10.46 -23.48 13.34
N LEU A 34 -11.30 -23.03 14.27
CA LEU A 34 -10.86 -22.70 15.59
C LEU A 34 -11.29 -23.76 16.62
N ASN A 35 -10.30 -24.46 17.17
CA ASN A 35 -10.49 -25.39 18.27
C ASN A 35 -10.76 -24.59 19.54
N LEU A 36 -11.80 -24.97 20.29
CA LEU A 36 -12.27 -24.21 21.45
C LEU A 36 -11.73 -24.72 22.78
N ASN A 37 -10.89 -25.72 22.72
CA ASN A 37 -10.46 -26.42 23.93
C ASN A 37 -8.99 -26.21 24.20
N GLU A 38 -8.24 -26.11 23.11
CA GLU A 38 -6.80 -25.98 23.12
C GLU A 38 -6.35 -24.76 23.93
N LYS A 39 -6.95 -23.60 23.66
CA LYS A 39 -6.47 -22.34 24.23
C LYS A 39 -7.51 -21.22 24.16
N THR A 40 -7.35 -20.19 24.97
CA THR A 40 -8.16 -18.99 24.81
C THR A 40 -7.78 -18.30 23.48
N LEU A 41 -8.76 -18.12 22.61
CA LEU A 41 -8.57 -17.57 21.29
C LEU A 41 -8.60 -16.05 21.40
N ILE A 42 -7.60 -15.40 20.80
CA ILE A 42 -7.40 -13.95 20.96
C ILE A 42 -7.99 -13.26 19.75
N MET A 43 -8.91 -12.34 19.98
CA MET A 43 -9.47 -11.56 18.88
C MET A 43 -8.84 -10.19 18.92
N GLY A 44 -8.08 -9.88 17.86
CA GLY A 44 -7.40 -8.58 17.74
C GLY A 44 -8.29 -7.48 17.19
N ILE A 45 -8.31 -6.34 17.88
CA ILE A 45 -9.11 -5.21 17.43
C ILE A 45 -8.31 -4.36 16.44
N LEU A 46 -8.69 -4.49 15.16
CA LEU A 46 -8.09 -3.70 14.09
C LEU A 46 -8.50 -2.24 14.22
N ASN A 47 -7.51 -1.36 14.33
CA ASN A 47 -7.81 0.08 14.29
C ASN A 47 -8.01 0.48 12.85
N VAL A 48 -9.07 1.25 12.64
CA VAL A 48 -9.63 1.40 11.30
C VAL A 48 -9.67 2.89 10.95
N THR A 49 -8.77 3.65 11.58
CA THR A 49 -8.62 5.09 11.32
C THR A 49 -8.83 5.36 9.83
N PRO A 50 -9.94 6.06 9.48
CA PRO A 50 -10.25 6.32 8.08
C PRO A 50 -9.52 7.55 7.55
N ASP A 51 -9.30 7.60 6.23
CA ASP A 51 -8.78 8.80 5.59
C ASP A 51 -9.88 9.86 5.55
N SER A 52 -9.50 11.12 5.78
CA SER A 52 -10.44 12.22 5.67
C SER A 52 -10.77 12.50 4.21
N PHE A 53 -9.78 12.27 3.34
CA PHE A 53 -9.93 12.50 1.89
C PHE A 53 -10.93 11.53 1.22
N SER A 54 -10.91 10.26 1.65
CA SER A 54 -11.85 9.25 1.12
C SER A 54 -12.93 8.89 2.13
N GLY A 57 -11.70 3.20 0.55
CA GLY A 57 -10.68 2.17 0.25
C GLY A 57 -9.39 2.76 -0.29
N SER A 58 -8.91 3.80 0.40
CA SER A 58 -7.71 4.51 0.00
C SER A 58 -6.48 3.79 0.50
N TYR A 59 -5.34 4.11 -0.11
CA TYR A 59 -4.08 3.39 0.15
C TYR A 59 -3.57 3.54 1.57
N ASN A 60 -3.64 4.76 2.12
CA ASN A 60 -3.14 4.97 3.50
C ASN A 60 -3.94 4.23 4.56
N GLU A 61 -5.26 4.21 4.41
CA GLU A 61 -6.11 3.59 5.43
C GLU A 61 -6.12 2.06 5.33
N VAL A 62 -6.24 1.51 4.11
CA VAL A 62 -6.14 0.06 3.95
C VAL A 62 -4.75 -0.51 4.28
N ASP A 63 -3.68 0.24 3.95
CA ASP A 63 -2.31 -0.20 4.25
C ASP A 63 -2.01 -0.19 5.76
N ALA A 64 -2.50 0.82 6.47
CA ALA A 64 -2.25 0.89 7.89
C ALA A 64 -3.06 -0.21 8.61
N ALA A 65 -4.20 -0.58 8.02
CA ALA A 65 -5.02 -1.70 8.46
C ALA A 65 -4.33 -3.04 8.27
N VAL A 66 -3.87 -3.30 7.03
CA VAL A 66 -3.13 -4.53 6.74
C VAL A 66 -1.91 -4.68 7.64
N ARG A 67 -1.27 -3.55 7.93
CA ARG A 67 -0.02 -3.55 8.65
C ARG A 67 -0.32 -3.88 10.08
N HIS A 68 -1.41 -3.31 10.57
CA HIS A 68 -1.84 -3.59 11.92
C HIS A 68 -2.27 -5.03 12.10
N ALA A 69 -3.01 -5.57 11.12
CA ALA A 69 -3.48 -6.95 11.16
C ALA A 69 -2.32 -7.93 11.12
N LYS A 70 -1.30 -7.59 10.35
CA LYS A 70 -0.07 -8.38 10.23
C LYS A 70 0.65 -8.38 11.57
N GLU A 71 0.77 -7.22 12.17
CA GLU A 71 1.40 -7.11 13.48
C GLU A 71 0.64 -7.98 14.50
N MET A 72 -0.68 -7.85 14.53
CA MET A 72 -1.49 -8.64 15.48
C MET A 72 -1.36 -10.13 15.23
N ARG A 73 -1.34 -10.55 13.96
CA ARG A 73 -1.09 -11.94 13.61
C ARG A 73 0.26 -12.39 14.16
N ASP A 74 1.31 -11.59 13.94
CA ASP A 74 2.63 -11.87 14.49
C ASP A 74 2.69 -11.98 16.02
N GLU A 75 1.88 -11.23 16.73
CA GLU A 75 1.95 -11.31 18.20
C GLU A 75 0.92 -12.18 18.93
N GLY A 76 0.16 -12.97 18.17
CA GLY A 76 -0.63 -14.07 18.70
C GLY A 76 -2.14 -14.02 18.52
N ALA A 77 -2.65 -13.13 17.66
CA ALA A 77 -4.10 -12.98 17.46
C ALA A 77 -4.59 -14.17 16.67
N HIS A 78 -5.82 -14.61 16.95
CA HIS A 78 -6.38 -15.76 16.27
C HIS A 78 -7.45 -15.38 15.28
N ILE A 79 -8.02 -14.21 15.50
CA ILE A 79 -9.07 -13.63 14.69
C ILE A 79 -8.75 -12.16 14.60
N ILE A 80 -9.01 -11.55 13.44
CA ILE A 80 -8.98 -10.11 13.31
C ILE A 80 -10.41 -9.55 13.28
N ASP A 81 -10.72 -8.67 14.21
CA ASP A 81 -12.01 -7.97 14.28
C ASP A 81 -12.01 -6.61 13.55
N ILE A 82 -12.83 -6.50 12.51
CA ILE A 82 -12.81 -5.31 11.67
C ILE A 82 -14.15 -4.55 11.68
N GLY A 83 -14.12 -3.31 12.20
CA GLY A 83 -15.34 -2.48 12.32
C GLY A 83 -15.51 -1.36 11.29
N GLY A 84 -16.76 -0.95 11.05
CA GLY A 84 -17.08 0.12 10.06
C GLY A 84 -16.92 1.56 10.56
N SER A 95 -23.93 6.35 7.92
CA SER A 95 -24.34 6.05 6.55
C SER A 95 -23.98 4.62 6.17
N VAL A 96 -25.00 3.80 5.95
CA VAL A 96 -24.86 2.35 5.72
C VAL A 96 -24.07 2.03 4.44
N GLU A 97 -24.34 2.76 3.37
CA GLU A 97 -23.63 2.59 2.10
C GLU A 97 -22.16 2.97 2.25
N GLU A 98 -21.92 4.04 2.99
CA GLU A 98 -20.58 4.53 3.30
C GLU A 98 -19.83 3.59 4.26
N GLU A 99 -20.54 2.96 5.20
CA GLU A 99 -19.94 1.97 6.12
C GLU A 99 -19.34 0.80 5.36
N ILE A 100 -20.07 0.32 4.35
CA ILE A 100 -19.66 -0.78 3.48
C ILE A 100 -18.45 -0.38 2.63
N LYS A 101 -18.48 0.82 2.04
CA LYS A 101 -17.37 1.36 1.25
C LYS A 101 -16.05 1.42 2.02
N ARG A 102 -16.14 1.63 3.33
CA ARG A 102 -14.95 1.70 4.18
C ARG A 102 -14.48 0.32 4.63
N VAL A 103 -15.39 -0.58 4.98
CA VAL A 103 -14.99 -1.84 5.59
C VAL A 103 -14.71 -2.95 4.56
N VAL A 104 -15.44 -2.93 3.45
CA VAL A 104 -15.26 -3.95 2.42
C VAL A 104 -13.81 -4.06 1.88
N PRO A 105 -13.18 -2.92 1.45
CA PRO A 105 -11.80 -2.93 0.97
C PRO A 105 -10.80 -3.46 2.00
N MET A 106 -10.98 -3.09 3.26
CA MET A 106 -10.12 -3.59 4.33
C MET A 106 -10.21 -5.08 4.58
N ILE A 107 -11.42 -5.63 4.45
CA ILE A 107 -11.63 -7.08 4.56
C ILE A 107 -10.98 -7.78 3.36
N GLN A 108 -11.18 -7.23 2.16
CA GLN A 108 -10.50 -7.74 0.98
C GLN A 108 -8.96 -7.80 1.11
N ALA A 109 -8.37 -6.74 1.67
CA ALA A 109 -6.91 -6.64 1.75
C ALA A 109 -6.33 -7.51 2.86
N VAL A 110 -6.99 -7.52 4.00
CA VAL A 110 -6.58 -8.31 5.15
C VAL A 110 -6.81 -9.81 4.90
N SER A 111 -7.98 -10.15 4.36
CA SER A 111 -8.31 -11.51 3.99
C SER A 111 -7.24 -12.14 3.10
N LYS A 112 -6.76 -11.36 2.13
CA LYS A 112 -5.73 -11.82 1.21
C LYS A 112 -4.37 -11.92 1.90
N GLU A 113 -4.03 -10.88 2.68
CA GLU A 113 -2.66 -10.72 3.13
C GLU A 113 -2.34 -11.31 4.48
N VAL A 114 -3.39 -11.55 5.29
CA VAL A 114 -3.27 -12.15 6.62
C VAL A 114 -4.17 -13.40 6.74
N LYS A 115 -3.55 -14.57 6.86
CA LYS A 115 -4.25 -15.85 6.94
C LYS A 115 -4.86 -16.09 8.33
N LEU A 116 -5.96 -15.38 8.60
CA LEU A 116 -6.68 -15.45 9.87
C LEU A 116 -8.15 -15.19 9.61
N PRO A 117 -9.05 -15.76 10.44
CA PRO A 117 -10.47 -15.47 10.30
C PRO A 117 -10.73 -14.01 10.60
N ILE A 118 -11.64 -13.43 9.84
CA ILE A 118 -12.03 -12.07 10.06
C ILE A 118 -13.46 -12.07 10.56
N SER A 119 -13.68 -11.38 11.66
CA SER A 119 -15.01 -11.06 12.11
C SER A 119 -15.35 -9.67 11.64
N ILE A 120 -16.60 -9.46 11.25
CA ILE A 120 -17.06 -8.13 10.91
C ILE A 120 -17.84 -7.56 12.10
N ASP A 121 -17.43 -6.39 12.57
CA ASP A 121 -18.04 -5.73 13.72
C ASP A 121 -19.16 -4.83 13.21
N THR A 122 -20.30 -5.44 12.91
CA THR A 122 -21.52 -4.68 12.56
C THR A 122 -22.80 -5.22 13.22
N TYR A 123 -23.80 -4.36 13.37
CA TYR A 123 -25.14 -4.78 13.78
C TYR A 123 -26.12 -4.66 12.61
N LYS A 124 -25.63 -4.18 11.47
CA LYS A 124 -26.47 -3.96 10.29
C LYS A 124 -26.39 -5.16 9.35
N ALA A 125 -27.55 -5.59 8.84
CA ALA A 125 -27.63 -6.83 8.06
C ALA A 125 -26.92 -6.69 6.72
N GLU A 126 -27.18 -5.58 6.04
CA GLU A 126 -26.55 -5.29 4.74
C GLU A 126 -25.03 -5.17 4.84
N VAL A 127 -24.54 -4.55 5.91
CA VAL A 127 -23.10 -4.45 6.15
C VAL A 127 -22.50 -5.84 6.35
N ALA A 128 -23.18 -6.70 7.11
CA ALA A 128 -22.70 -8.06 7.35
C ALA A 128 -22.67 -8.89 6.06
N LYS A 129 -23.74 -8.79 5.26
CA LYS A 129 -23.81 -9.48 3.98
C LYS A 129 -22.57 -9.17 3.13
N GLN A 130 -22.37 -7.89 2.80
CA GLN A 130 -21.21 -7.41 2.03
C GLN A 130 -19.85 -7.88 2.58
N ALA A 131 -19.71 -7.84 3.91
CA ALA A 131 -18.44 -8.19 4.56
C ALA A 131 -18.04 -9.66 4.42
N ILE A 132 -19.02 -10.56 4.55
CA ILE A 132 -18.76 -11.99 4.35
C ILE A 132 -18.48 -12.26 2.87
N GLU A 133 -19.20 -11.53 2.03
CA GLU A 133 -19.02 -11.53 0.57
C GLU A 133 -17.61 -11.05 0.19
N ALA A 134 -17.08 -10.14 1.00
CA ALA A 134 -15.76 -9.58 0.81
C ALA A 134 -14.69 -10.47 1.40
N GLY A 135 -15.06 -11.41 2.27
CA GLY A 135 -14.09 -12.32 2.90
C GLY A 135 -14.17 -12.48 4.41
N ALA A 136 -15.11 -11.82 5.07
CA ALA A 136 -15.26 -11.97 6.54
C ALA A 136 -15.83 -13.33 6.92
N HIS A 137 -15.38 -13.87 8.07
CA HIS A 137 -15.70 -15.25 8.46
C HIS A 137 -16.71 -15.35 9.57
N ILE A 138 -16.82 -14.31 10.39
CA ILE A 138 -17.57 -14.34 11.63
C ILE A 138 -18.31 -13.03 11.74
N ILE A 139 -19.54 -13.03 12.24
CA ILE A 139 -20.24 -11.76 12.42
C ILE A 139 -20.13 -11.39 13.87
N ASN A 140 -19.81 -10.12 14.14
CA ASN A 140 -19.69 -9.62 15.50
C ASN A 140 -20.74 -8.52 15.75
N ASP A 141 -21.89 -8.93 16.33
CA ASP A 141 -23.02 -8.03 16.46
C ASP A 141 -23.16 -7.51 17.89
N ILE A 142 -22.99 -6.20 18.07
CA ILE A 142 -23.05 -5.57 19.40
C ILE A 142 -24.48 -5.41 19.89
N TRP A 143 -25.43 -5.71 19.01
CA TRP A 143 -26.83 -5.63 19.37
C TRP A 143 -27.52 -6.98 19.36
N GLY A 144 -26.73 -8.05 19.34
CA GLY A 144 -27.22 -9.42 19.38
C GLY A 144 -28.49 -9.69 18.59
N ALA A 145 -28.46 -9.36 17.31
CA ALA A 145 -29.56 -9.66 16.39
C ALA A 145 -30.84 -8.88 16.67
N LYS A 146 -30.78 -7.94 17.61
CA LYS A 146 -31.96 -7.17 18.00
C LYS A 146 -32.15 -5.85 17.27
N ALA A 147 -31.06 -5.15 16.95
CA ALA A 147 -31.16 -3.88 16.23
C ALA A 147 -31.64 -4.12 14.80
N GLU A 148 -31.11 -5.18 14.18
CA GLU A 148 -31.54 -5.60 12.85
C GLU A 148 -31.61 -7.11 12.77
N PRO A 149 -32.81 -7.68 13.04
CA PRO A 149 -33.03 -9.12 13.09
C PRO A 149 -32.51 -9.87 11.85
N LYS A 150 -32.65 -9.26 10.68
CA LYS A 150 -32.19 -9.87 9.42
C LYS A 150 -30.70 -10.25 9.41
N ILE A 151 -29.92 -9.72 10.33
CA ILE A 151 -28.52 -10.10 10.43
C ILE A 151 -28.35 -11.60 10.75
N ALA A 152 -29.23 -12.14 11.59
CA ALA A 152 -29.19 -13.56 11.94
C ALA A 152 -29.52 -14.39 10.71
N GLU A 153 -30.41 -13.86 9.88
CA GLU A 153 -30.77 -14.47 8.60
C GLU A 153 -29.57 -14.51 7.63
N VAL A 154 -28.81 -13.41 7.59
CA VAL A 154 -27.53 -13.34 6.88
C VAL A 154 -26.57 -14.38 7.47
N ALA A 155 -26.41 -14.39 8.80
CA ALA A 155 -25.61 -15.42 9.47
C ALA A 155 -26.03 -16.84 9.06
N ALA A 156 -27.34 -17.11 9.09
CA ALA A 156 -27.87 -18.44 8.82
C ALA A 156 -27.54 -18.91 7.41
N HIS A 157 -27.72 -18.03 6.43
CA HIS A 157 -27.44 -18.35 5.05
C HIS A 157 -25.96 -18.60 4.71
N TYR A 158 -25.09 -17.64 5.01
CA TYR A 158 -23.65 -17.79 4.78
C TYR A 158 -23.06 -18.79 5.78
N ASP A 159 -23.85 -19.13 6.81
CA ASP A 159 -23.54 -20.23 7.73
C ASP A 159 -22.30 -19.93 8.54
N VAL A 160 -22.18 -18.66 8.94
CA VAL A 160 -21.01 -18.17 9.65
C VAL A 160 -21.28 -18.06 11.14
N PRO A 161 -20.23 -18.20 11.96
CA PRO A 161 -20.46 -17.98 13.38
C PRO A 161 -20.87 -16.54 13.62
N ILE A 162 -21.80 -16.32 14.55
CA ILE A 162 -22.21 -14.97 14.91
C ILE A 162 -22.09 -14.74 16.40
N ILE A 163 -21.51 -13.61 16.77
CA ILE A 163 -21.34 -13.27 18.16
C ILE A 163 -22.52 -12.41 18.59
N LEU A 164 -23.23 -12.88 19.60
CA LEU A 164 -24.41 -12.17 20.09
C LEU A 164 -23.98 -11.53 21.38
N MET A 165 -23.96 -10.21 21.37
CA MET A 165 -23.47 -9.48 22.53
C MET A 165 -24.66 -9.00 23.33
N HIS A 166 -24.54 -9.02 24.65
CA HIS A 166 -25.56 -8.39 25.46
C HIS A 166 -25.54 -6.87 25.30
N ASN A 167 -26.72 -6.31 25.02
CA ASN A 167 -26.86 -4.88 24.93
C ASN A 167 -28.33 -4.53 25.07
N ARG A 168 -28.62 -3.37 25.64
CA ARG A 168 -29.97 -2.83 25.66
C ARG A 168 -29.94 -1.30 25.61
N ASP A 169 -31.05 -0.70 25.20
CA ASP A 169 -31.13 0.74 25.05
C ASP A 169 -31.38 1.44 26.39
N ASN A 170 -31.13 0.72 27.50
CA ASN A 170 -31.41 1.22 28.86
C ASN A 170 -30.64 0.45 29.95
N MET A 171 -30.72 0.92 31.19
CA MET A 171 -30.06 0.22 32.31
C MET A 171 -31.00 -0.21 33.42
N ASN A 172 -32.29 -0.33 33.11
CA ASN A 172 -33.29 -0.62 34.12
C ASN A 172 -33.29 -2.10 34.49
N TYR A 173 -32.20 -2.57 35.08
CA TYR A 173 -32.10 -3.95 35.51
C TYR A 173 -32.88 -4.21 36.79
N ARG A 174 -33.74 -5.21 36.74
CA ARG A 174 -34.32 -5.79 37.94
C ARG A 174 -33.18 -6.52 38.61
N ASN A 175 -32.62 -7.51 37.91
CA ASN A 175 -31.47 -8.26 38.39
C ASN A 175 -30.45 -8.42 37.28
N LEU A 176 -29.34 -7.69 37.41
CA LEU A 176 -28.32 -7.61 36.36
C LEU A 176 -28.07 -8.94 35.63
N MET A 177 -27.51 -9.93 36.33
CA MET A 177 -27.13 -11.21 35.71
C MET A 177 -28.29 -11.99 35.12
N ALA A 178 -29.43 -11.97 35.83
CA ALA A 178 -30.63 -12.66 35.41
C ALA A 178 -31.24 -12.04 34.16
N ASP A 179 -31.29 -10.71 34.16
CA ASP A 179 -31.69 -9.91 32.98
C ASP A 179 -30.75 -10.09 31.80
N MET A 180 -29.44 -10.11 32.07
CA MET A 180 -28.41 -10.35 31.06
C MET A 180 -28.65 -11.68 30.35
N ILE A 181 -28.71 -12.76 31.14
CA ILE A 181 -28.97 -14.11 30.62
C ILE A 181 -30.33 -14.22 29.90
N ALA A 182 -31.34 -13.50 30.41
CA ALA A 182 -32.62 -13.35 29.72
C ALA A 182 -32.46 -12.64 28.38
N ASP A 183 -31.83 -11.47 28.39
CA ASP A 183 -31.64 -10.69 27.16
C ASP A 183 -30.81 -11.47 26.15
N LEU A 184 -29.81 -12.19 26.63
CA LEU A 184 -29.02 -13.06 25.76
C LEU A 184 -29.86 -14.17 25.15
N TYR A 185 -30.76 -14.76 25.91
N TYR A 185 -30.77 -14.77 25.91
CA TYR A 185 -31.61 -15.80 25.33
CA TYR A 185 -31.66 -15.81 25.37
C TYR A 185 -32.52 -15.28 24.23
C TYR A 185 -32.59 -15.31 24.26
N ASP A 186 -33.08 -14.07 24.42
CA ASP A 186 -33.84 -13.42 23.37
C ASP A 186 -33.02 -13.23 22.10
N SER A 187 -31.68 -13.13 22.20
CA SER A 187 -30.84 -13.11 21.01
C SER A 187 -30.72 -14.48 20.39
N ILE A 188 -30.51 -15.48 21.24
CA ILE A 188 -30.37 -16.88 20.77
C ILE A 188 -31.61 -17.34 20.02
N LYS A 189 -32.78 -16.90 20.50
CA LYS A 189 -34.06 -17.23 19.89
C LYS A 189 -34.22 -16.58 18.51
N ILE A 190 -33.84 -15.30 18.39
CA ILE A 190 -33.88 -14.57 17.12
C ILE A 190 -32.94 -15.28 16.15
N ALA A 191 -31.76 -15.63 16.63
CA ALA A 191 -30.76 -16.33 15.83
C ALA A 191 -31.28 -17.70 15.38
N LYS A 192 -31.66 -18.54 16.34
CA LYS A 192 -32.21 -19.87 16.04
C LYS A 192 -33.43 -19.84 15.11
N ASP A 193 -34.35 -18.91 15.35
CA ASP A 193 -35.53 -18.74 14.51
C ASP A 193 -35.18 -18.39 13.07
N ALA A 194 -34.04 -17.73 12.87
CA ALA A 194 -33.59 -17.35 11.52
C ALA A 194 -32.85 -18.47 10.79
N GLY A 195 -32.48 -19.52 11.52
CA GLY A 195 -31.81 -20.69 10.94
C GLY A 195 -30.40 -20.94 11.48
N VAL A 196 -29.95 -20.13 12.43
CA VAL A 196 -28.59 -20.27 12.95
C VAL A 196 -28.42 -21.55 13.79
N ARG A 197 -27.49 -22.42 13.38
CA ARG A 197 -27.12 -23.59 14.17
C ARG A 197 -26.40 -23.21 15.46
N ASP A 198 -26.73 -23.93 16.53
CA ASP A 198 -26.12 -23.72 17.85
C ASP A 198 -24.61 -23.59 17.78
N GLU A 199 -24.01 -24.31 16.84
CA GLU A 199 -22.56 -24.37 16.73
C GLU A 199 -21.94 -23.10 16.14
N ASN A 200 -22.80 -22.24 15.60
CA ASN A 200 -22.37 -20.94 15.09
C ASN A 200 -22.77 -19.81 16.01
N ILE A 201 -23.09 -20.12 17.28
CA ILE A 201 -23.51 -19.07 18.21
C ILE A 201 -22.46 -18.88 19.29
N ILE A 202 -22.02 -17.63 19.44
CA ILE A 202 -21.07 -17.27 20.49
C ILE A 202 -21.75 -16.17 21.28
N LEU A 203 -21.52 -16.13 22.58
CA LEU A 203 -22.19 -15.13 23.37
C LEU A 203 -21.17 -14.20 23.92
N ASP A 204 -21.59 -12.99 24.26
CA ASP A 204 -20.70 -12.00 24.79
C ASP A 204 -21.48 -11.22 25.84
N PRO A 205 -20.94 -11.10 27.06
CA PRO A 205 -21.71 -10.42 28.10
C PRO A 205 -21.89 -8.91 27.88
N GLY A 206 -21.30 -8.36 26.81
CA GLY A 206 -21.40 -6.94 26.51
C GLY A 206 -20.94 -6.03 27.63
N ILE A 207 -19.74 -6.30 28.15
CA ILE A 207 -19.09 -5.44 29.14
C ILE A 207 -18.86 -4.03 28.56
N GLY A 208 -19.20 -3.02 29.34
CA GLY A 208 -19.12 -1.65 28.89
C GLY A 208 -20.30 -1.21 28.03
N PHE A 209 -21.31 -2.06 27.90
CA PHE A 209 -22.55 -1.69 27.21
C PHE A 209 -23.76 -1.79 28.09
N ALA A 210 -24.55 -0.72 28.09
CA ALA A 210 -25.81 -0.66 28.84
C ALA A 210 -25.65 -1.04 30.31
N LYS A 211 -24.49 -0.72 30.88
CA LYS A 211 -24.19 -1.09 32.25
C LYS A 211 -23.40 0.01 32.95
N THR A 212 -23.75 0.30 34.21
CA THR A 212 -22.97 1.21 35.05
C THR A 212 -21.59 0.62 35.32
N PRO A 213 -20.64 1.43 35.85
CA PRO A 213 -19.35 0.84 36.17
C PRO A 213 -19.44 -0.26 37.21
N GLU A 214 -20.30 -0.07 38.23
CA GLU A 214 -20.53 -1.12 39.24
C GLU A 214 -21.18 -2.37 38.66
N GLN A 215 -22.10 -2.19 37.71
CA GLN A 215 -22.70 -3.32 37.00
C GLN A 215 -21.73 -4.06 36.12
N ASN A 216 -20.79 -3.34 35.49
CA ASN A 216 -19.70 -3.98 34.74
C ASN A 216 -18.82 -4.89 35.61
N LEU A 217 -18.48 -4.42 36.80
CA LEU A 217 -17.76 -5.21 37.79
C LEU A 217 -18.59 -6.41 38.29
N GLU A 218 -19.88 -6.18 38.54
CA GLU A 218 -20.81 -7.27 38.88
C GLU A 218 -20.89 -8.35 37.79
N ALA A 219 -20.92 -7.94 36.53
CA ALA A 219 -20.94 -8.89 35.41
C ALA A 219 -19.66 -9.67 35.32
N MET A 220 -18.52 -9.02 35.51
CA MET A 220 -17.22 -9.68 35.60
C MET A 220 -17.16 -10.66 36.76
N ARG A 221 -17.68 -10.25 37.91
CA ARG A 221 -17.72 -11.09 39.09
C ARG A 221 -18.52 -12.38 38.85
N ASN A 222 -19.52 -12.30 37.96
CA ASN A 222 -20.51 -13.38 37.77
C ASN A 222 -20.56 -13.94 36.38
N LEU A 223 -19.47 -13.74 35.64
CA LEU A 223 -19.35 -14.18 34.25
C LEU A 223 -19.61 -15.65 34.01
N GLU A 224 -19.23 -16.48 34.96
CA GLU A 224 -19.41 -17.95 34.80
C GLU A 224 -20.87 -18.39 34.60
N GLN A 225 -21.81 -17.56 35.04
CA GLN A 225 -23.24 -17.84 34.85
C GLN A 225 -23.65 -17.95 33.38
N LEU A 226 -22.89 -17.31 32.48
CA LEU A 226 -23.23 -17.33 31.06
C LEU A 226 -23.02 -18.72 30.51
N ASN A 227 -22.16 -19.49 31.17
CA ASN A 227 -21.87 -20.87 30.78
C ASN A 227 -23.06 -21.82 30.78
N VAL A 228 -24.06 -21.55 31.60
CA VAL A 228 -25.23 -22.44 31.65
C VAL A 228 -25.99 -22.41 30.32
N LEU A 229 -25.83 -21.34 29.54
CA LEU A 229 -26.52 -21.24 28.25
C LEU A 229 -25.99 -22.23 27.22
N GLY A 230 -24.82 -22.81 27.48
CA GLY A 230 -24.24 -23.85 26.61
C GLY A 230 -23.40 -23.38 25.42
N TYR A 231 -23.11 -22.09 25.35
CA TYR A 231 -22.38 -21.55 24.19
C TYR A 231 -21.02 -20.99 24.56
N PRO A 232 -20.07 -20.97 23.58
CA PRO A 232 -18.81 -20.29 23.82
C PRO A 232 -19.03 -18.82 24.17
N VAL A 233 -18.22 -18.33 25.09
CA VAL A 233 -18.31 -16.94 25.47
C VAL A 233 -17.06 -16.14 25.01
N LEU A 234 -17.30 -14.96 24.42
CA LEU A 234 -16.25 -14.00 24.10
C LEU A 234 -16.31 -12.86 25.10
N LEU A 235 -15.18 -12.50 25.69
CA LEU A 235 -15.14 -11.35 26.58
C LEU A 235 -14.47 -10.14 25.90
N GLY A 236 -15.15 -8.99 25.90
CA GLY A 236 -14.58 -7.76 25.35
C GLY A 236 -14.48 -6.67 26.38
N THR A 237 -13.32 -6.51 26.98
CA THR A 237 -13.16 -5.53 28.06
C THR A 237 -12.05 -4.52 27.81
N SER A 238 -11.30 -4.72 26.71
CA SER A 238 -10.06 -3.97 26.39
C SER A 238 -10.16 -2.44 26.55
N ARG A 239 -9.43 -1.91 27.52
CA ARG A 239 -9.24 -0.46 27.71
C ARG A 239 -10.49 0.32 28.10
N LYS A 240 -11.54 -0.41 28.48
CA LYS A 240 -12.85 0.18 28.63
C LYS A 240 -12.93 1.08 29.84
N SER A 241 -13.84 2.05 29.74
CA SER A 241 -14.12 3.03 30.75
C SER A 241 -14.18 2.51 32.21
N PHE A 242 -14.71 1.30 32.43
CA PHE A 242 -14.87 0.79 33.82
C PHE A 242 -13.54 0.39 34.48
N ILE A 243 -12.55 0.02 33.66
CA ILE A 243 -11.17 -0.16 34.11
C ILE A 243 -10.58 1.18 34.58
N GLY A 244 -10.80 2.22 33.78
CA GLY A 244 -10.35 3.56 34.13
C GLY A 244 -11.08 4.05 35.37
N HIS A 245 -12.33 3.58 35.56
CA HIS A 245 -13.12 4.02 36.71
C HIS A 245 -12.57 3.43 38.01
N VAL A 246 -12.04 2.21 37.93
CA VAL A 246 -11.44 1.57 39.09
C VAL A 246 -10.05 2.14 39.39
N LEU A 247 -9.22 2.19 38.34
CA LEU A 247 -7.80 2.52 38.46
C LEU A 247 -7.50 4.01 38.42
N ASP A 248 -8.49 4.79 37.97
CA ASP A 248 -8.35 6.21 37.67
C ASP A 248 -7.19 6.47 36.70
N LEU A 249 -7.30 5.88 35.51
CA LEU A 249 -6.24 5.93 34.53
C LEU A 249 -6.77 6.14 33.09
N PRO A 250 -6.09 6.99 32.29
CA PRO A 250 -6.50 7.23 30.90
C PRO A 250 -6.40 5.97 30.07
N VAL A 251 -7.08 5.97 28.93
CA VAL A 251 -7.20 4.79 28.07
C VAL A 251 -5.86 4.13 27.73
N GLU A 252 -4.78 4.92 27.62
CA GLU A 252 -3.48 4.37 27.24
C GLU A 252 -2.72 3.77 28.42
N GLU A 253 -3.32 3.89 29.60
CA GLU A 253 -2.76 3.33 30.83
C GLU A 253 -3.63 2.20 31.41
N ARG A 254 -4.36 1.49 30.55
CA ARG A 254 -5.32 0.50 31.04
C ARG A 254 -4.91 -0.94 30.77
N LEU A 255 -3.64 -1.17 30.49
CA LEU A 255 -3.14 -2.48 30.04
C LEU A 255 -3.15 -3.52 31.15
N GLU A 256 -2.77 -3.10 32.37
CA GLU A 256 -2.79 -3.95 33.54
C GLU A 256 -4.23 -4.26 33.95
N GLY A 257 -5.08 -3.24 33.92
CA GLY A 257 -6.51 -3.42 34.23
C GLY A 257 -7.21 -4.30 33.21
N THR A 258 -6.84 -4.16 31.93
CA THR A 258 -7.39 -5.02 30.88
C THR A 258 -6.91 -6.46 31.13
N GLY A 259 -5.69 -6.59 31.62
CA GLY A 259 -5.11 -7.92 31.87
C GLY A 259 -5.85 -8.65 32.96
N ALA A 260 -6.20 -7.93 34.02
CA ALA A 260 -6.99 -8.48 35.12
C ALA A 260 -8.31 -9.01 34.59
N THR A 261 -9.01 -8.21 33.80
CA THR A 261 -10.31 -8.66 33.25
C THR A 261 -10.15 -9.88 32.35
N VAL A 262 -9.16 -9.87 31.46
CA VAL A 262 -8.83 -11.04 30.61
C VAL A 262 -8.58 -12.25 31.49
N CYS A 263 -7.80 -12.09 32.56
CA CYS A 263 -7.50 -13.22 33.46
C CYS A 263 -8.68 -13.79 34.20
N LEU A 264 -9.46 -12.91 34.81
CA LEU A 264 -10.67 -13.34 35.47
C LEU A 264 -11.62 -14.00 34.44
N GLY A 265 -11.74 -13.41 33.26
CA GLY A 265 -12.58 -13.94 32.20
C GLY A 265 -12.24 -15.35 31.80
N ILE A 266 -10.95 -15.61 31.58
CA ILE A 266 -10.51 -16.96 31.25
C ILE A 266 -10.76 -17.93 32.41
N GLU A 267 -10.48 -17.50 33.62
CA GLU A 267 -10.75 -18.33 34.76
C GLU A 267 -12.24 -18.69 34.88
N LYS A 268 -13.11 -17.80 34.42
CA LYS A 268 -14.55 -17.99 34.49
C LYS A 268 -15.09 -18.69 33.26
N GLY A 269 -14.21 -19.14 32.36
CA GLY A 269 -14.63 -20.00 31.25
C GLY A 269 -14.72 -19.44 29.83
N CYS A 270 -14.39 -18.17 29.61
CA CYS A 270 -14.52 -17.64 28.25
CA CYS A 270 -14.47 -17.59 28.26
C CYS A 270 -13.56 -18.29 27.25
N GLU A 271 -14.07 -18.47 26.03
CA GLU A 271 -13.35 -19.11 24.98
C GLU A 271 -12.49 -18.08 24.18
N PHE A 272 -12.90 -16.81 24.18
CA PHE A 272 -12.26 -15.76 23.41
C PHE A 272 -12.10 -14.53 24.27
N VAL A 273 -11.05 -13.77 24.00
CA VAL A 273 -10.99 -12.38 24.50
C VAL A 273 -10.76 -11.42 23.32
N ARG A 274 -11.41 -10.26 23.37
CA ARG A 274 -11.32 -9.27 22.31
C ARG A 274 -10.46 -8.12 22.81
N VAL A 275 -9.23 -8.04 22.28
CA VAL A 275 -8.22 -7.15 22.85
C VAL A 275 -7.49 -6.21 21.85
N HIS A 276 -7.10 -5.03 22.33
CA HIS A 276 -6.24 -4.15 21.52
C HIS A 276 -4.79 -4.60 21.67
N ASP A 277 -4.37 -4.85 22.90
CA ASP A 277 -2.99 -5.23 23.18
C ASP A 277 -2.72 -6.72 22.98
N VAL A 278 -2.62 -7.13 21.73
CA VAL A 278 -2.52 -8.54 21.39
C VAL A 278 -1.28 -9.20 22.00
N LYS A 279 -0.09 -8.61 21.86
CA LYS A 279 1.13 -9.22 22.40
C LYS A 279 0.96 -9.54 23.89
N GLU A 280 0.56 -8.56 24.67
CA GLU A 280 0.50 -8.69 26.11
C GLU A 280 -0.58 -9.71 26.51
N MET A 281 -1.74 -9.61 25.86
CA MET A 281 -2.92 -10.37 26.26
C MET A 281 -2.82 -11.79 25.81
N SER A 282 -2.07 -12.03 24.73
CA SER A 282 -1.74 -13.40 24.32
C SER A 282 -0.85 -14.09 25.33
N ARG A 283 0.11 -13.34 25.88
CA ARG A 283 1.00 -13.93 26.86
C ARG A 283 0.27 -14.21 28.15
N MET A 284 -0.64 -13.32 28.52
CA MET A 284 -1.47 -13.50 29.67
C MET A 284 -2.47 -14.63 29.51
N ALA A 285 -3.16 -14.67 28.37
CA ALA A 285 -4.07 -15.77 28.08
C ALA A 285 -3.35 -17.11 28.12
N LYS A 286 -2.18 -17.16 27.50
CA LYS A 286 -1.36 -18.36 27.45
C LYS A 286 -0.98 -18.85 28.83
N MET A 287 -0.72 -17.95 29.76
CA MET A 287 -0.33 -18.35 31.10
C MET A 287 -1.56 -18.82 31.91
N MET A 288 -2.70 -18.12 31.77
CA MET A 288 -3.96 -18.53 32.38
C MET A 288 -4.27 -19.96 31.95
N ASP A 289 -4.36 -20.19 30.64
CA ASP A 289 -4.49 -21.53 30.06
C ASP A 289 -3.64 -22.60 30.74
N ALA A 290 -2.34 -22.34 30.85
CA ALA A 290 -1.47 -23.35 31.44
C ALA A 290 -1.91 -23.64 32.87
N MET A 291 -2.28 -22.59 33.60
CA MET A 291 -2.63 -22.74 35.00
C MET A 291 -3.99 -23.43 35.17
N ILE A 292 -5.02 -22.96 34.48
CA ILE A 292 -6.36 -23.49 34.67
C ILE A 292 -6.51 -24.89 34.07
N GLY A 293 -5.55 -25.32 33.26
CA GLY A 293 -5.56 -26.64 32.65
C GLY A 293 -6.24 -26.70 31.29
N LYS A 294 -6.24 -25.59 30.57
CA LYS A 294 -6.80 -25.55 29.22
C LYS A 294 -5.69 -25.83 28.20
N SER B 4 42.13 25.14 -11.39
CA SER B 4 40.66 24.96 -11.68
C SER B 4 40.10 26.12 -12.52
N HIS B 5 38.84 25.96 -12.98
CA HIS B 5 38.20 26.90 -13.90
C HIS B 5 37.28 27.94 -13.23
N HIS B 6 36.42 28.56 -14.05
CA HIS B 6 35.61 29.74 -13.68
C HIS B 6 34.88 29.61 -12.35
N HIS B 7 34.74 30.72 -11.61
CA HIS B 7 34.10 30.69 -10.29
C HIS B 7 32.57 30.61 -10.35
N HIS B 8 31.98 31.00 -11.48
CA HIS B 8 30.54 30.85 -11.70
C HIS B 8 30.14 29.40 -12.00
N HIS B 9 31.04 28.64 -12.63
CA HIS B 9 30.80 27.22 -12.95
C HIS B 9 31.35 26.28 -11.86
N HIS B 10 30.57 25.27 -11.49
CA HIS B 10 30.94 24.34 -10.42
C HIS B 10 31.45 22.99 -10.93
N SER B 11 31.16 22.69 -12.19
CA SER B 11 31.73 21.54 -12.87
C SER B 11 32.07 21.92 -14.32
N SER B 12 32.77 21.03 -15.02
CA SER B 12 33.10 21.23 -16.43
C SER B 12 32.54 20.12 -17.34
N GLY B 13 31.86 19.14 -16.74
CA GLY B 13 31.25 18.04 -17.46
C GLY B 13 32.09 16.77 -17.49
N LEU B 14 32.36 16.28 -18.69
CA LEU B 14 33.12 15.05 -18.89
C LEU B 14 34.60 15.39 -19.10
N VAL B 15 35.47 14.84 -18.25
CA VAL B 15 36.88 15.25 -18.12
C VAL B 15 37.89 14.11 -18.39
N PRO B 16 38.98 14.42 -19.13
CA PRO B 16 40.15 13.53 -19.33
C PRO B 16 40.77 12.90 -18.07
N ARG B 17 41.41 11.74 -18.25
CA ARG B 17 42.14 10.98 -17.20
C ARG B 17 41.23 10.55 -16.05
N MET B 21 37.72 8.37 -19.39
CA MET B 21 37.14 9.70 -19.13
C MET B 21 35.98 9.68 -18.12
N LYS B 22 35.94 10.71 -17.28
CA LYS B 22 35.10 10.74 -16.11
C LYS B 22 34.19 11.96 -16.15
N TRP B 23 32.97 11.83 -15.65
CA TRP B 23 32.17 13.02 -15.30
C TRP B 23 32.77 13.67 -14.06
N ASP B 24 32.78 14.99 -13.97
CA ASP B 24 33.44 15.61 -12.81
C ASP B 24 32.46 16.09 -11.74
N TYR B 25 31.22 15.61 -11.85
CA TYR B 25 30.21 15.80 -10.83
C TYR B 25 29.33 14.56 -10.82
N ASP B 26 28.63 14.31 -9.73
CA ASP B 26 27.51 13.37 -9.77
C ASP B 26 26.14 14.02 -9.74
N LEU B 27 25.13 13.22 -10.02
CA LEU B 27 23.76 13.68 -10.07
C LEU B 27 23.23 13.74 -8.63
N ARG B 28 22.89 14.96 -8.22
CA ARG B 28 22.44 15.19 -6.88
C ARG B 28 20.93 15.18 -6.90
N CYS B 29 20.37 14.26 -6.09
CA CYS B 29 18.94 13.99 -6.05
C CYS B 29 18.44 13.95 -4.59
N GLY B 30 18.59 15.06 -3.88
CA GLY B 30 18.16 15.13 -2.48
C GLY B 30 18.98 14.22 -1.58
N GLU B 31 18.30 13.25 -0.97
CA GLU B 31 18.98 12.24 -0.15
C GLU B 31 19.94 11.38 -0.96
N TYR B 32 19.57 11.12 -2.21
CA TYR B 32 20.35 10.21 -3.03
C TYR B 32 21.31 10.96 -3.94
N THR B 33 22.41 10.30 -4.26
CA THR B 33 23.36 10.85 -5.17
C THR B 33 23.72 9.78 -6.16
N LEU B 34 23.56 10.12 -7.44
CA LEU B 34 23.81 9.19 -8.52
C LEU B 34 25.15 9.50 -9.17
N ASN B 35 26.06 8.55 -9.04
CA ASN B 35 27.35 8.63 -9.67
C ASN B 35 27.27 8.22 -11.14
N LEU B 36 27.85 9.04 -12.02
CA LEU B 36 27.71 8.82 -13.47
C LEU B 36 28.84 8.03 -14.07
N ASN B 37 29.79 7.62 -13.25
CA ASN B 37 30.99 6.97 -13.75
C ASN B 37 31.11 5.48 -13.40
N GLU B 38 30.64 5.12 -12.21
CA GLU B 38 30.68 3.75 -11.73
C GLU B 38 29.96 2.76 -12.64
N LYS B 39 28.78 3.13 -13.16
CA LYS B 39 27.97 2.21 -13.95
C LYS B 39 26.84 2.88 -14.69
N THR B 40 26.30 2.19 -15.69
CA THR B 40 25.06 2.58 -16.34
C THR B 40 23.91 2.51 -15.31
N LEU B 41 23.18 3.60 -15.17
CA LEU B 41 22.11 3.70 -14.19
C LEU B 41 20.79 3.24 -14.79
N ILE B 42 20.12 2.33 -14.10
CA ILE B 42 18.91 1.71 -14.61
C ILE B 42 17.72 2.47 -14.09
N MET B 43 16.89 2.97 -15.00
CA MET B 43 15.63 3.59 -14.64
C MET B 43 14.48 2.64 -14.90
N GLY B 44 13.93 2.07 -13.83
CA GLY B 44 12.82 1.13 -13.96
C GLY B 44 11.52 1.85 -14.20
N ILE B 45 10.78 1.39 -15.21
CA ILE B 45 9.46 1.94 -15.53
C ILE B 45 8.40 1.28 -14.62
N LEU B 46 7.81 2.09 -13.72
CA LEU B 46 6.73 1.66 -12.87
C LEU B 46 5.43 1.41 -13.62
N ASN B 47 4.82 0.25 -13.31
CA ASN B 47 3.48 -0.10 -13.77
C ASN B 47 2.45 0.88 -13.26
N VAL B 48 1.84 1.61 -14.18
CA VAL B 48 0.74 2.51 -13.84
C VAL B 48 -0.51 1.99 -14.60
N THR B 49 -1.37 1.30 -13.86
CA THR B 49 -2.51 0.60 -14.47
C THR B 49 -3.85 1.11 -13.87
N PRO B 50 -4.36 2.25 -14.39
CA PRO B 50 -5.65 2.82 -13.99
C PRO B 50 -6.83 2.38 -14.87
N GLY B 56 -8.20 7.74 -8.55
CA GLY B 56 -6.76 7.46 -8.23
C GLY B 56 -6.59 7.41 -6.70
N GLY B 57 -5.49 6.76 -6.27
CA GLY B 57 -5.17 6.69 -4.83
C GLY B 57 -5.66 5.49 -4.05
N SER B 58 -6.39 4.58 -4.72
CA SER B 58 -6.95 3.39 -4.05
C SER B 58 -5.84 2.43 -3.61
N TYR B 59 -6.17 1.52 -2.69
CA TYR B 59 -5.18 0.61 -2.12
C TYR B 59 -4.61 -0.33 -3.16
N ASN B 60 -5.47 -0.81 -4.07
CA ASN B 60 -5.00 -1.78 -5.05
C ASN B 60 -3.97 -1.28 -6.03
N GLU B 61 -4.18 -0.08 -6.55
CA GLU B 61 -3.25 0.43 -7.53
C GLU B 61 -1.95 0.94 -6.88
N VAL B 62 -2.07 1.65 -5.77
CA VAL B 62 -0.88 2.17 -5.10
C VAL B 62 -0.08 1.06 -4.43
N ASP B 63 -0.77 0.00 -4.00
CA ASP B 63 -0.10 -1.17 -3.46
C ASP B 63 0.60 -1.99 -4.54
N ALA B 64 -0.09 -2.23 -5.67
CA ALA B 64 0.56 -2.91 -6.82
C ALA B 64 1.82 -2.16 -7.27
N ALA B 65 1.77 -0.83 -7.22
CA ALA B 65 2.89 0.05 -7.60
C ALA B 65 4.09 -0.04 -6.66
N VAL B 66 3.83 0.00 -5.35
CA VAL B 66 4.87 -0.17 -4.32
C VAL B 66 5.55 -1.54 -4.48
N ARG B 67 4.73 -2.57 -4.70
CA ARG B 67 5.21 -3.94 -4.92
C ARG B 67 6.14 -3.96 -6.11
N HIS B 68 5.72 -3.35 -7.21
CA HIS B 68 6.53 -3.29 -8.43
C HIS B 68 7.84 -2.58 -8.19
N ALA B 69 7.74 -1.40 -7.57
CA ALA B 69 8.89 -0.57 -7.25
C ALA B 69 9.90 -1.33 -6.42
N LYS B 70 9.41 -2.04 -5.42
CA LYS B 70 10.25 -2.87 -4.55
C LYS B 70 10.95 -3.97 -5.33
N GLU B 71 10.21 -4.58 -6.23
CA GLU B 71 10.73 -5.65 -7.06
C GLU B 71 11.82 -5.07 -8.01
N MET B 72 11.57 -3.93 -8.63
CA MET B 72 12.60 -3.25 -9.45
C MET B 72 13.81 -2.83 -8.64
N ARG B 73 13.59 -2.27 -7.44
CA ARG B 73 14.70 -2.05 -6.51
C ARG B 73 15.53 -3.31 -6.31
N ASP B 74 14.85 -4.41 -5.98
CA ASP B 74 15.51 -5.68 -5.74
C ASP B 74 16.19 -6.25 -6.99
N GLU B 75 15.76 -5.80 -8.16
CA GLU B 75 16.30 -6.34 -9.41
C GLU B 75 17.47 -5.53 -10.04
N GLY B 76 17.74 -4.36 -9.47
CA GLY B 76 18.94 -3.57 -9.78
C GLY B 76 18.66 -2.19 -10.36
N ALA B 77 17.42 -1.72 -10.19
CA ALA B 77 17.00 -0.38 -10.60
C ALA B 77 17.60 0.66 -9.66
N HIS B 78 18.04 1.77 -10.24
CA HIS B 78 18.65 2.89 -9.49
C HIS B 78 17.68 4.07 -9.43
N ILE B 79 16.75 4.13 -10.39
CA ILE B 79 15.69 5.13 -10.38
C ILE B 79 14.35 4.47 -10.67
N ILE B 80 13.31 4.93 -9.98
CA ILE B 80 11.93 4.58 -10.32
C ILE B 80 11.23 5.71 -11.10
N ASP B 81 10.79 5.40 -12.32
CA ASP B 81 10.09 6.37 -13.15
C ASP B 81 8.59 6.17 -13.03
N ILE B 82 7.89 7.21 -12.59
CA ILE B 82 6.45 7.07 -12.34
C ILE B 82 5.64 7.90 -13.35
N GLY B 83 4.94 7.20 -14.23
CA GLY B 83 4.35 7.82 -15.43
C GLY B 83 2.90 8.22 -15.31
N GLY B 84 2.63 9.52 -15.49
CA GLY B 84 1.26 10.06 -15.41
C GLY B 84 0.28 9.55 -16.47
N GLU B 85 0.75 9.44 -17.72
CA GLU B 85 -0.08 9.03 -18.87
C GLU B 85 0.68 8.07 -19.83
N SER B 86 -0.07 7.17 -20.47
CA SER B 86 0.50 6.14 -21.35
C SER B 86 0.99 6.71 -22.70
N THR B 87 2.22 6.35 -23.07
CA THR B 87 2.79 6.73 -24.38
C THR B 87 2.62 5.60 -25.41
N VAL B 94 -8.35 13.41 -19.84
CA VAL B 94 -7.88 13.44 -18.46
C VAL B 94 -6.94 14.63 -18.24
N SER B 95 -7.36 15.53 -17.35
CA SER B 95 -6.69 16.82 -17.14
C SER B 95 -5.56 16.76 -16.11
N VAL B 96 -4.93 17.91 -15.86
CA VAL B 96 -3.84 18.08 -14.90
C VAL B 96 -4.22 17.65 -13.48
N GLU B 97 -5.44 18.00 -13.07
CA GLU B 97 -5.96 17.69 -11.72
C GLU B 97 -6.09 16.18 -11.50
N GLU B 98 -6.58 15.48 -12.51
CA GLU B 98 -6.72 14.01 -12.49
C GLU B 98 -5.38 13.30 -12.39
N GLU B 99 -4.43 13.72 -13.24
CA GLU B 99 -3.09 13.15 -13.30
C GLU B 99 -2.34 13.31 -11.97
N ILE B 100 -2.51 14.48 -11.33
CA ILE B 100 -1.97 14.71 -9.98
C ILE B 100 -2.53 13.70 -8.98
N LYS B 101 -3.87 13.59 -8.92
CA LYS B 101 -4.58 12.66 -8.03
C LYS B 101 -4.07 11.22 -8.16
N ARG B 102 -3.79 10.81 -9.39
CA ARG B 102 -3.34 9.45 -9.65
C ARG B 102 -1.86 9.24 -9.39
N VAL B 103 -1.03 10.27 -9.56
CA VAL B 103 0.42 10.08 -9.46
C VAL B 103 1.03 10.45 -8.09
N VAL B 104 0.42 11.43 -7.40
CA VAL B 104 0.95 11.89 -6.11
C VAL B 104 0.99 10.79 -5.02
N PRO B 105 -0.13 10.02 -4.82
CA PRO B 105 -0.14 8.90 -3.88
C PRO B 105 0.92 7.84 -4.20
N MET B 106 1.14 7.60 -5.48
CA MET B 106 2.19 6.70 -5.96
C MET B 106 3.59 7.14 -5.54
N ILE B 107 3.89 8.44 -5.70
CA ILE B 107 5.16 9.00 -5.31
C ILE B 107 5.31 9.01 -3.78
N GLN B 108 4.24 9.42 -3.10
CA GLN B 108 4.19 9.44 -1.64
C GLN B 108 4.48 8.09 -1.02
N ALA B 109 3.91 7.04 -1.62
CA ALA B 109 4.07 5.69 -1.07
C ALA B 109 5.42 5.09 -1.45
N VAL B 110 5.79 5.22 -2.71
CA VAL B 110 7.07 4.69 -3.21
C VAL B 110 8.28 5.35 -2.52
N SER B 111 8.23 6.68 -2.33
CA SER B 111 9.33 7.40 -1.69
C SER B 111 9.50 6.91 -0.25
N LYS B 112 8.37 6.85 0.46
CA LYS B 112 8.34 6.37 1.82
C LYS B 112 8.85 4.93 1.94
N GLU B 113 8.59 4.10 0.94
CA GLU B 113 8.73 2.66 1.12
C GLU B 113 9.87 1.99 0.37
N VAL B 114 10.33 2.64 -0.71
CA VAL B 114 11.46 2.19 -1.54
C VAL B 114 12.51 3.32 -1.58
N LYS B 115 13.74 2.97 -1.20
CA LYS B 115 14.81 3.96 -1.06
C LYS B 115 15.63 4.10 -2.33
N LEU B 116 15.05 4.80 -3.31
CA LEU B 116 15.67 5.10 -4.61
C LEU B 116 15.13 6.46 -5.03
N PRO B 117 15.85 7.17 -5.92
CA PRO B 117 15.24 8.37 -6.48
C PRO B 117 14.07 8.04 -7.40
N ILE B 118 13.09 8.93 -7.40
CA ILE B 118 11.94 8.82 -8.25
C ILE B 118 11.96 9.92 -9.28
N SER B 119 11.67 9.58 -10.51
CA SER B 119 11.40 10.60 -11.49
C SER B 119 9.93 10.64 -11.75
N ILE B 120 9.38 11.85 -11.75
CA ILE B 120 8.06 12.07 -12.29
C ILE B 120 8.10 12.21 -13.82
N ASP B 121 7.50 11.22 -14.50
CA ASP B 121 7.40 11.24 -15.96
C ASP B 121 6.23 12.10 -16.40
N THR B 122 6.43 13.41 -16.37
CA THR B 122 5.42 14.36 -16.89
C THR B 122 6.03 15.39 -17.84
N TYR B 123 5.19 16.06 -18.64
CA TYR B 123 5.62 17.21 -19.40
C TYR B 123 5.03 18.51 -18.88
N LYS B 124 4.10 18.38 -17.93
CA LYS B 124 3.31 19.51 -17.43
C LYS B 124 3.96 20.08 -16.19
N ALA B 125 3.86 21.40 -16.04
CA ALA B 125 4.53 22.13 -14.96
C ALA B 125 3.96 21.80 -13.57
N GLU B 126 2.63 21.89 -13.45
CA GLU B 126 1.95 21.70 -12.16
C GLU B 126 2.11 20.27 -11.64
N VAL B 127 1.97 19.31 -12.56
CA VAL B 127 2.18 17.90 -12.26
C VAL B 127 3.57 17.63 -11.67
N ALA B 128 4.59 18.27 -12.26
CA ALA B 128 5.97 18.13 -11.82
C ALA B 128 6.21 18.78 -10.45
N LYS B 129 5.63 19.96 -10.23
CA LYS B 129 5.73 20.63 -8.93
C LYS B 129 5.11 19.77 -7.83
N GLN B 130 3.86 19.37 -8.03
CA GLN B 130 3.10 18.58 -7.06
C GLN B 130 3.83 17.30 -6.73
N ALA B 131 4.37 16.66 -7.78
CA ALA B 131 5.12 15.42 -7.66
C ALA B 131 6.42 15.57 -6.88
N ILE B 132 7.06 16.74 -6.99
CA ILE B 132 8.31 17.00 -6.27
C ILE B 132 7.99 17.24 -4.80
N GLU B 133 6.90 17.95 -4.55
CA GLU B 133 6.36 18.14 -3.19
C GLU B 133 5.93 16.82 -2.57
N ALA B 134 5.46 15.90 -3.43
CA ALA B 134 5.07 14.55 -3.03
C ALA B 134 6.28 13.67 -2.71
N GLY B 135 7.44 14.01 -3.27
CA GLY B 135 8.69 13.29 -2.97
C GLY B 135 9.49 12.82 -4.17
N ALA B 136 9.11 13.26 -5.38
CA ALA B 136 9.86 12.94 -6.61
C ALA B 136 11.16 13.75 -6.68
N HIS B 137 12.17 13.16 -7.31
CA HIS B 137 13.52 13.73 -7.27
C HIS B 137 13.99 14.32 -8.61
N ILE B 138 13.45 13.78 -9.70
CA ILE B 138 13.90 14.01 -11.06
C ILE B 138 12.66 14.32 -11.91
N ILE B 139 12.77 15.26 -12.85
CA ILE B 139 11.69 15.50 -13.81
C ILE B 139 12.03 14.81 -15.11
N ASN B 140 11.11 13.99 -15.62
CA ASN B 140 11.31 13.25 -16.87
C ASN B 140 10.35 13.75 -17.94
N ASP B 141 10.86 14.65 -18.79
CA ASP B 141 9.98 15.42 -19.67
C ASP B 141 10.11 14.97 -21.09
N ILE B 142 9.06 14.34 -21.61
CA ILE B 142 9.07 13.80 -22.97
C ILE B 142 8.97 14.88 -24.03
N TRP B 143 8.82 16.13 -23.59
CA TRP B 143 8.70 17.23 -24.52
C TRP B 143 9.83 18.24 -24.37
N GLY B 144 10.73 17.95 -23.43
CA GLY B 144 11.95 18.73 -23.22
C GLY B 144 11.72 20.20 -22.97
N ALA B 145 10.75 20.48 -22.10
CA ALA B 145 10.42 21.85 -21.71
C ALA B 145 9.79 22.68 -22.83
N LYS B 146 9.34 22.00 -23.88
CA LYS B 146 8.74 22.70 -25.02
C LYS B 146 7.22 22.71 -25.00
N ALA B 147 6.63 21.71 -24.33
CA ALA B 147 5.18 21.62 -24.17
C ALA B 147 4.72 22.67 -23.18
N GLU B 148 5.37 22.70 -22.03
CA GLU B 148 5.12 23.70 -21.00
C GLU B 148 6.46 24.15 -20.45
N PRO B 149 6.97 25.30 -20.94
CA PRO B 149 8.29 25.84 -20.56
C PRO B 149 8.42 26.07 -19.06
N LYS B 150 7.31 26.44 -18.43
CA LYS B 150 7.22 26.63 -16.97
C LYS B 150 7.86 25.48 -16.18
N ILE B 151 7.90 24.28 -16.76
CA ILE B 151 8.50 23.11 -16.11
C ILE B 151 9.96 23.33 -15.69
N ALA B 152 10.72 24.06 -16.52
CA ALA B 152 12.11 24.37 -16.23
C ALA B 152 12.21 25.35 -15.06
N GLU B 153 11.25 26.28 -14.95
CA GLU B 153 11.14 27.13 -13.77
C GLU B 153 10.93 26.29 -12.52
N VAL B 154 10.16 25.20 -12.65
CA VAL B 154 9.92 24.25 -11.56
C VAL B 154 11.20 23.48 -11.24
N ALA B 155 11.83 22.92 -12.27
CA ALA B 155 13.12 22.27 -12.11
C ALA B 155 14.15 23.16 -11.41
N ALA B 156 14.25 24.43 -11.85
CA ALA B 156 15.22 25.38 -11.30
C ALA B 156 14.94 25.69 -9.85
N HIS B 157 13.66 25.81 -9.51
CA HIS B 157 13.24 26.13 -8.14
C HIS B 157 13.51 25.00 -7.18
N TYR B 158 13.22 23.78 -7.61
CA TYR B 158 13.44 22.61 -6.78
C TYR B 158 14.86 22.12 -6.87
N ASP B 159 15.58 22.62 -7.90
CA ASP B 159 17.00 22.35 -8.08
C ASP B 159 17.20 20.87 -8.38
N VAL B 160 16.32 20.34 -9.23
CA VAL B 160 16.24 18.90 -9.49
C VAL B 160 16.73 18.55 -10.89
N PRO B 161 17.37 17.38 -11.06
CA PRO B 161 17.76 16.96 -12.40
C PRO B 161 16.54 16.87 -13.30
N ILE B 162 16.66 17.30 -14.56
CA ILE B 162 15.55 17.20 -15.51
C ILE B 162 15.98 16.48 -16.80
N ILE B 163 15.12 15.62 -17.33
CA ILE B 163 15.44 14.88 -18.53
C ILE B 163 14.70 15.54 -19.66
N LEU B 164 15.46 16.06 -20.63
CA LEU B 164 14.88 16.76 -21.74
C LEU B 164 14.94 15.80 -22.90
N MET B 165 13.80 15.24 -23.25
CA MET B 165 13.75 14.24 -24.32
C MET B 165 13.55 14.92 -25.64
N HIS B 166 14.24 14.43 -26.67
CA HIS B 166 13.94 14.88 -28.01
C HIS B 166 12.54 14.45 -28.43
N ASN B 167 11.74 15.43 -28.77
CA ASN B 167 10.44 15.18 -29.36
C ASN B 167 10.14 16.33 -30.33
N ARG B 168 9.33 16.04 -31.34
CA ARG B 168 8.77 17.08 -32.20
C ARG B 168 7.44 16.57 -32.77
N ASP B 169 6.64 17.47 -33.34
CA ASP B 169 5.31 17.10 -33.81
C ASP B 169 5.27 16.61 -35.27
N ASN B 170 6.43 16.29 -35.83
CA ASN B 170 6.52 15.84 -37.21
C ASN B 170 7.71 14.90 -37.42
N MET B 171 7.83 14.31 -38.59
CA MET B 171 8.90 13.36 -38.86
C MET B 171 9.76 13.76 -40.07
N ASN B 172 9.70 15.05 -40.42
CA ASN B 172 10.41 15.57 -41.57
C ASN B 172 11.80 16.10 -41.18
N TYR B 173 12.82 15.28 -41.40
CA TYR B 173 14.18 15.64 -41.04
C TYR B 173 15.05 15.92 -42.26
N ARG B 174 15.76 17.06 -42.24
CA ARG B 174 16.76 17.36 -43.27
C ARG B 174 17.95 16.41 -43.05
N ASN B 175 18.34 16.28 -41.78
CA ASN B 175 19.44 15.43 -41.35
C ASN B 175 19.06 15.08 -39.92
N LEU B 176 18.62 13.83 -39.73
CA LEU B 176 18.02 13.37 -38.47
C LEU B 176 18.80 13.82 -37.24
N MET B 177 20.05 13.34 -37.16
CA MET B 177 20.91 13.61 -36.01
C MET B 177 21.21 15.06 -35.75
N ALA B 178 21.49 15.81 -36.81
CA ALA B 178 21.73 17.25 -36.75
C ALA B 178 20.49 17.98 -36.27
N ASP B 179 19.35 17.63 -36.85
CA ASP B 179 18.03 18.11 -36.39
C ASP B 179 17.69 17.80 -34.94
N MET B 180 17.95 16.57 -34.50
CA MET B 180 17.70 16.19 -33.10
C MET B 180 18.56 16.99 -32.14
N ILE B 181 19.84 17.15 -32.49
CA ILE B 181 20.81 17.92 -31.68
C ILE B 181 20.38 19.37 -31.63
N ALA B 182 19.98 19.90 -32.77
CA ALA B 182 19.35 21.21 -32.85
C ALA B 182 18.13 21.31 -31.91
N ASP B 183 17.20 20.36 -32.02
CA ASP B 183 16.02 20.35 -31.16
C ASP B 183 16.42 20.21 -29.68
N LEU B 184 17.36 19.32 -29.40
CA LEU B 184 17.87 19.16 -28.05
C LEU B 184 18.54 20.41 -27.48
N TYR B 185 19.22 21.20 -28.32
CA TYR B 185 19.82 22.44 -27.85
CA TYR B 185 19.81 22.46 -27.88
C TYR B 185 18.75 23.49 -27.52
N ASP B 186 17.69 23.53 -28.32
CA ASP B 186 16.55 24.40 -28.02
C ASP B 186 15.97 24.09 -26.64
N SER B 187 15.97 22.81 -26.26
CA SER B 187 15.46 22.38 -24.95
C SER B 187 16.39 22.86 -23.85
N ILE B 188 17.70 22.66 -24.04
CA ILE B 188 18.75 23.12 -23.11
C ILE B 188 18.67 24.63 -22.87
N LYS B 189 18.32 25.36 -23.92
CA LYS B 189 18.26 26.82 -23.85
C LYS B 189 17.06 27.25 -23.01
N ILE B 190 15.91 26.60 -23.21
CA ILE B 190 14.72 26.83 -22.36
C ILE B 190 15.04 26.53 -20.90
N ALA B 191 15.68 25.38 -20.66
CA ALA B 191 16.10 24.99 -19.32
C ALA B 191 17.02 26.03 -18.66
N LYS B 192 18.07 26.43 -19.37
CA LYS B 192 19.03 27.39 -18.81
C LYS B 192 18.47 28.79 -18.72
N ASP B 193 17.58 29.14 -19.65
CA ASP B 193 16.87 30.42 -19.63
C ASP B 193 15.99 30.57 -18.38
N ALA B 194 15.47 29.45 -17.87
CA ALA B 194 14.63 29.42 -16.67
C ALA B 194 15.42 29.29 -15.38
N GLY B 195 16.63 28.72 -15.49
CA GLY B 195 17.57 28.73 -14.37
C GLY B 195 18.25 27.40 -14.08
N VAL B 196 18.00 26.40 -14.92
CA VAL B 196 18.55 25.06 -14.69
C VAL B 196 20.07 25.03 -14.84
N ARG B 197 20.77 24.65 -13.76
CA ARG B 197 22.21 24.44 -13.78
C ARG B 197 22.53 23.29 -14.70
N ASP B 198 23.66 23.40 -15.40
CA ASP B 198 24.06 22.37 -16.36
C ASP B 198 24.11 20.98 -15.74
N GLU B 199 24.56 20.91 -14.49
CA GLU B 199 24.66 19.66 -13.76
C GLU B 199 23.30 18.96 -13.56
N ASN B 200 22.22 19.69 -13.76
CA ASN B 200 20.87 19.14 -13.67
C ASN B 200 20.19 18.89 -15.01
N ILE B 201 20.96 18.85 -16.10
CA ILE B 201 20.37 18.57 -17.43
C ILE B 201 20.77 17.19 -17.91
N ILE B 202 19.77 16.46 -18.41
CA ILE B 202 19.97 15.14 -18.98
C ILE B 202 19.25 15.12 -20.30
N LEU B 203 19.84 14.46 -21.31
CA LEU B 203 19.24 14.48 -22.63
C LEU B 203 18.80 13.08 -22.99
N ASP B 204 17.75 13.00 -23.80
CA ASP B 204 17.25 11.73 -24.25
C ASP B 204 16.96 11.88 -25.72
N PRO B 205 17.47 10.95 -26.57
CA PRO B 205 17.28 11.00 -28.03
C PRO B 205 15.83 10.80 -28.49
N GLY B 206 14.95 10.39 -27.56
CA GLY B 206 13.54 10.19 -27.85
C GLY B 206 13.32 9.11 -28.88
N ILE B 207 14.01 7.98 -28.70
CA ILE B 207 13.78 6.82 -29.57
C ILE B 207 12.32 6.37 -29.45
N GLY B 208 11.66 6.20 -30.58
CA GLY B 208 10.25 5.89 -30.61
C GLY B 208 9.33 7.09 -30.54
N PHE B 209 9.89 8.30 -30.61
CA PHE B 209 9.07 9.52 -30.69
C PHE B 209 9.42 10.34 -31.91
N ALA B 210 8.38 10.73 -32.64
CA ALA B 210 8.50 11.52 -33.86
C ALA B 210 9.56 11.01 -34.83
N LYS B 211 9.70 9.68 -34.91
CA LYS B 211 10.62 9.03 -35.85
C LYS B 211 9.98 7.81 -36.53
N THR B 212 10.27 7.61 -37.81
CA THR B 212 9.95 6.37 -38.52
C THR B 212 10.76 5.20 -37.92
N PRO B 213 10.37 3.93 -38.18
CA PRO B 213 11.18 2.82 -37.70
C PRO B 213 12.64 2.92 -38.13
N GLU B 214 12.86 3.29 -39.40
CA GLU B 214 14.22 3.49 -39.94
C GLU B 214 14.97 4.67 -39.32
N GLN B 215 14.26 5.73 -38.96
CA GLN B 215 14.89 6.85 -38.27
C GLN B 215 15.29 6.48 -36.85
N ASN B 216 14.48 5.67 -36.17
CA ASN B 216 14.87 5.17 -34.83
C ASN B 216 16.14 4.35 -34.89
N LEU B 217 16.26 3.55 -35.94
CA LEU B 217 17.44 2.72 -36.15
C LEU B 217 18.67 3.57 -36.45
N GLU B 218 18.47 4.60 -37.28
CA GLU B 218 19.50 5.55 -37.63
C GLU B 218 19.96 6.34 -36.40
N ALA B 219 19.01 6.72 -35.55
CA ALA B 219 19.34 7.48 -34.36
C ALA B 219 20.12 6.61 -33.40
N MET B 220 19.74 5.35 -33.31
CA MET B 220 20.47 4.34 -32.56
C MET B 220 21.88 4.15 -33.11
N ARG B 221 21.99 4.09 -34.42
CA ARG B 221 23.27 3.91 -35.10
C ARG B 221 24.24 5.06 -34.79
N ASN B 222 23.70 6.26 -34.56
CA ASN B 222 24.44 7.50 -34.44
C ASN B 222 24.36 8.18 -33.10
N LEU B 223 23.98 7.41 -32.09
CA LEU B 223 23.71 7.91 -30.75
C LEU B 223 24.87 8.66 -30.13
N GLU B 224 26.10 8.18 -30.39
CA GLU B 224 27.31 8.82 -29.87
C GLU B 224 27.46 10.30 -30.24
N GLN B 225 26.73 10.78 -31.26
CA GLN B 225 26.79 12.20 -31.64
C GLN B 225 26.17 13.13 -30.62
N LEU B 226 25.31 12.59 -29.75
CA LEU B 226 24.62 13.38 -28.71
C LEU B 226 25.60 13.79 -27.65
N ASN B 227 26.64 12.98 -27.50
CA ASN B 227 27.70 13.22 -26.50
C ASN B 227 28.45 14.52 -26.67
N VAL B 228 28.46 15.08 -27.90
CA VAL B 228 29.16 16.35 -28.10
C VAL B 228 28.51 17.51 -27.34
N LEU B 229 27.23 17.37 -26.98
CA LEU B 229 26.55 18.45 -26.26
C LEU B 229 27.06 18.61 -24.84
N GLY B 230 27.74 17.57 -24.33
CA GLY B 230 28.34 17.63 -23.00
C GLY B 230 27.47 17.21 -21.82
N TYR B 231 26.25 16.76 -22.09
CA TYR B 231 25.33 16.31 -21.00
C TYR B 231 25.12 14.81 -20.93
N PRO B 232 24.83 14.28 -19.72
CA PRO B 232 24.49 12.87 -19.64
C PRO B 232 23.32 12.50 -20.55
N VAL B 233 23.37 11.28 -21.09
CA VAL B 233 22.31 10.79 -21.98
C VAL B 233 21.52 9.60 -21.38
N LEU B 234 20.19 9.70 -21.45
CA LEU B 234 19.32 8.61 -21.07
C LEU B 234 18.70 8.02 -22.31
N LEU B 235 18.79 6.70 -22.42
CA LEU B 235 18.16 5.95 -23.50
C LEU B 235 16.86 5.24 -23.10
N GLY B 236 15.79 5.57 -23.81
CA GLY B 236 14.49 4.91 -23.59
C GLY B 236 14.03 4.14 -24.81
N THR B 237 14.36 2.85 -24.85
CA THR B 237 13.97 2.02 -25.99
C THR B 237 13.07 0.82 -25.65
N SER B 238 12.88 0.58 -24.35
CA SER B 238 12.27 -0.64 -23.80
C SER B 238 10.97 -1.03 -24.46
N ARG B 239 11.00 -2.15 -25.19
CA ARG B 239 9.80 -2.79 -25.79
C ARG B 239 9.15 -1.97 -26.90
N LYS B 240 9.80 -0.88 -27.31
CA LYS B 240 9.20 0.01 -28.29
C LYS B 240 8.89 -0.64 -29.63
N SER B 241 7.98 -0.02 -30.35
CA SER B 241 7.49 -0.50 -31.63
C SER B 241 8.57 -0.78 -32.69
N PHE B 242 9.72 -0.11 -32.61
CA PHE B 242 10.74 -0.30 -33.66
C PHE B 242 11.48 -1.62 -33.48
N ILE B 243 11.50 -2.12 -32.26
CA ILE B 243 11.99 -3.47 -31.98
C ILE B 243 11.05 -4.50 -32.63
N GLY B 244 9.75 -4.33 -32.39
CA GLY B 244 8.72 -5.18 -33.01
C GLY B 244 8.74 -5.12 -34.52
N HIS B 245 9.14 -3.97 -35.08
CA HIS B 245 9.20 -3.84 -36.54
C HIS B 245 10.38 -4.60 -37.12
N VAL B 246 11.49 -4.59 -36.41
CA VAL B 246 12.67 -5.31 -36.88
C VAL B 246 12.43 -6.81 -36.71
N LEU B 247 12.07 -7.18 -35.49
CA LEU B 247 11.97 -8.58 -35.07
C LEU B 247 10.68 -9.31 -35.43
N ASP B 248 9.66 -8.56 -35.85
CA ASP B 248 8.29 -9.05 -36.06
C ASP B 248 7.68 -9.75 -34.82
N LEU B 249 7.71 -9.05 -33.69
CA LEU B 249 7.35 -9.62 -32.41
C LEU B 249 6.49 -8.66 -31.57
N PRO B 250 5.46 -9.20 -30.86
CA PRO B 250 4.61 -8.32 -30.03
C PRO B 250 5.31 -7.84 -28.79
N VAL B 251 4.74 -6.81 -28.17
CA VAL B 251 5.34 -6.13 -27.01
C VAL B 251 6.00 -7.02 -25.95
N GLU B 252 5.39 -8.17 -25.64
CA GLU B 252 5.90 -9.04 -24.58
C GLU B 252 7.01 -9.98 -25.06
N GLU B 253 7.25 -9.97 -26.38
CA GLU B 253 8.35 -10.73 -26.96
C GLU B 253 9.56 -9.85 -27.38
N ARG B 254 9.78 -8.75 -26.67
CA ARG B 254 10.80 -7.77 -27.12
C ARG B 254 11.99 -7.61 -26.19
N LEU B 255 12.17 -8.55 -25.28
CA LEU B 255 13.22 -8.46 -24.25
C LEU B 255 14.59 -8.49 -24.90
N GLU B 256 14.79 -9.37 -25.88
CA GLU B 256 16.07 -9.52 -26.55
C GLU B 256 16.35 -8.32 -27.46
N GLY B 257 15.33 -7.89 -28.19
CA GLY B 257 15.40 -6.66 -28.98
C GLY B 257 15.74 -5.46 -28.12
N THR B 258 15.13 -5.35 -26.93
CA THR B 258 15.39 -4.23 -26.01
C THR B 258 16.84 -4.27 -25.52
N GLY B 259 17.32 -5.48 -25.22
CA GLY B 259 18.67 -5.65 -24.71
C GLY B 259 19.72 -5.27 -25.73
N ALA B 260 19.44 -5.50 -27.01
CA ALA B 260 20.33 -5.10 -28.08
C ALA B 260 20.46 -3.58 -28.10
N THR B 261 19.33 -2.89 -27.99
CA THR B 261 19.32 -1.43 -28.00
C THR B 261 20.05 -0.87 -26.78
N VAL B 262 19.74 -1.41 -25.60
CA VAL B 262 20.44 -1.08 -24.37
C VAL B 262 21.94 -1.30 -24.48
N CYS B 263 22.35 -2.42 -25.05
CA CYS B 263 23.78 -2.70 -25.22
C CYS B 263 24.48 -1.71 -26.15
N LEU B 264 23.84 -1.42 -27.28
CA LEU B 264 24.41 -0.50 -28.24
C LEU B 264 24.49 0.91 -27.64
N GLY B 265 23.42 1.32 -26.94
CA GLY B 265 23.33 2.63 -26.33
C GLY B 265 24.38 2.87 -25.28
N ILE B 266 24.73 1.82 -24.54
CA ILE B 266 25.75 1.92 -23.50
C ILE B 266 27.13 2.00 -24.16
N GLU B 267 27.32 1.24 -25.22
CA GLU B 267 28.58 1.28 -25.96
C GLU B 267 28.78 2.64 -26.63
N LYS B 268 27.68 3.29 -27.00
CA LYS B 268 27.70 4.61 -27.56
C LYS B 268 27.70 5.74 -26.52
N GLY B 269 27.78 5.40 -25.22
CA GLY B 269 28.00 6.39 -24.17
C GLY B 269 26.90 6.88 -23.25
N CYS B 270 25.72 6.25 -23.28
N CYS B 270 25.70 6.27 -23.29
CA CYS B 270 24.59 6.65 -22.43
CA CYS B 270 24.62 6.75 -22.43
C CYS B 270 24.87 6.39 -20.93
C CYS B 270 24.87 6.42 -20.95
N GLU B 271 24.37 7.29 -20.08
CA GLU B 271 24.57 7.16 -18.67
C GLU B 271 23.39 6.43 -17.95
N PHE B 272 22.20 6.43 -18.56
CA PHE B 272 21.01 5.81 -18.05
C PHE B 272 20.34 5.06 -19.16
N VAL B 273 19.68 3.96 -18.79
CA VAL B 273 18.70 3.31 -19.69
C VAL B 273 17.38 3.15 -18.95
N ARG B 274 16.28 3.53 -19.59
CA ARG B 274 14.96 3.46 -19.02
C ARG B 274 14.32 2.18 -19.53
N VAL B 275 14.04 1.25 -18.60
CA VAL B 275 13.65 -0.11 -18.98
C VAL B 275 12.48 -0.68 -18.19
N HIS B 276 11.76 -1.60 -18.83
CA HIS B 276 10.72 -2.37 -18.16
C HIS B 276 11.32 -3.59 -17.46
N ASP B 277 12.24 -4.26 -18.12
CA ASP B 277 12.78 -5.52 -17.64
C ASP B 277 14.06 -5.26 -16.85
N VAL B 278 13.89 -4.77 -15.64
CA VAL B 278 15.00 -4.32 -14.87
C VAL B 278 16.02 -5.41 -14.63
N LYS B 279 15.57 -6.59 -14.18
CA LYS B 279 16.50 -7.67 -13.83
C LYS B 279 17.42 -8.01 -15.01
N GLU B 280 16.82 -8.22 -16.16
CA GLU B 280 17.54 -8.67 -17.33
C GLU B 280 18.44 -7.55 -17.90
N MET B 281 17.96 -6.31 -17.83
CA MET B 281 18.67 -5.18 -18.44
C MET B 281 19.80 -4.74 -17.55
N SER B 282 19.63 -4.95 -16.24
CA SER B 282 20.69 -4.66 -15.28
C SER B 282 21.85 -5.60 -15.41
N ARG B 283 21.57 -6.85 -15.71
CA ARG B 283 22.60 -7.83 -15.94
C ARG B 283 23.35 -7.48 -17.19
N MET B 284 22.60 -7.13 -18.24
CA MET B 284 23.19 -6.72 -19.50
C MET B 284 24.01 -5.44 -19.40
N ALA B 285 23.45 -4.43 -18.73
CA ALA B 285 24.13 -3.15 -18.51
C ALA B 285 25.41 -3.39 -17.74
N LYS B 286 25.34 -4.25 -16.74
CA LYS B 286 26.47 -4.57 -15.89
C LYS B 286 27.59 -5.24 -16.69
N MET B 287 27.22 -6.09 -17.65
CA MET B 287 28.21 -6.79 -18.44
C MET B 287 28.87 -5.81 -19.44
N MET B 288 28.06 -4.97 -20.08
CA MET B 288 28.55 -3.87 -20.94
C MET B 288 29.57 -2.98 -20.22
N ASP B 289 29.15 -2.31 -19.15
CA ASP B 289 30.07 -1.56 -18.29
C ASP B 289 31.40 -2.25 -18.10
N ALA B 290 31.38 -3.53 -17.77
CA ALA B 290 32.62 -4.26 -17.53
C ALA B 290 33.42 -4.38 -18.80
N MET B 291 32.77 -4.57 -19.94
CA MET B 291 33.52 -4.69 -21.18
C MET B 291 34.06 -3.33 -21.67
N ILE B 292 33.22 -2.30 -21.68
CA ILE B 292 33.66 -0.98 -22.15
C ILE B 292 34.53 -0.27 -21.11
N GLY B 293 34.57 -0.79 -19.88
CA GLY B 293 35.48 -0.30 -18.84
C GLY B 293 34.93 0.88 -18.05
N LYS B 294 33.65 0.83 -17.68
CA LYS B 294 33.01 1.94 -16.96
C LYS B 294 33.53 2.07 -15.53
#